data_8IIY
#
_entry.id   8IIY
#
_cell.length_a   66.241
_cell.length_b   66.241
_cell.length_c   248.821
_cell.angle_alpha   90.00
_cell.angle_beta   90.00
_cell.angle_gamma   120.00
#
_symmetry.space_group_name_H-M   'P 32 2 1'
#
loop_
_entity.id
_entity.type
_entity.pdbx_description
1 polymer 'Maltodextrin-binding protein,YEATS domain-containing protein 4'
2 polymer 'Histone H3.1'
3 branched alpha-D-glucopyranose-(1-4)-alpha-D-glucopyranose-(1-4)-alpha-D-glucopyranose-(1-4)-alpha-D-glucopyranose
4 non-polymer GLYCEROL
5 water water
#
loop_
_entity_poly.entity_id
_entity_poly.type
_entity_poly.pdbx_seq_one_letter_code
_entity_poly.pdbx_strand_id
1 'polypeptide(L)'
;GSMKIEEGKLVIWINGDKGYNGLAEVGKKFEKDTGIKVTVEHPDKLEEKFPQVAATGDGPDIIFWAHDRFGGYAQSGLLA
EITPAAAFQDKLYPFTWDAVRYNGKLIAYPIAVEALSLIYNKDLLPNPPKTWEEIPALDKELKAKGKSALMFNLQEPYFT
WPLIAADGGYAFKYAAGKYDIKDVGVDNAGAKAGLTFLVDLIKNKHMNADTDYSIAEAAFNKGETAMTINGPWAWSNIDT
SAVNYGVTVLPTFKGQPSKPFVGVLSAGINAASPNKELAKEFLENYLLTDEGLEAVNKDKPLGAVALKSYEEELAKDPRI
AATMENAQKGEIMPNIPQMSAFWYAVRTAVINAASGRQTVDEALKDAQTNAAAVTIVKPIVYGNVARYFGKKREEDGHTH
QWTVYVKPYRNEDMSAYVKKIQFKLHESYGNPLRVVTKPPYEITETGWGEFEIIIKIFFIDPNERPVTLYHLLKLFQSDT
NAMLGKKTVVSEFYDEMIFQDPTAMMQQLLTTSR
;
A
2 'polypeptide(L)' ARTKQTARKSTGG(ALY)APRKQ B,C
#
loop_
_chem_comp.id
_chem_comp.type
_chem_comp.name
_chem_comp.formula
GLC D-saccharide, alpha linking alpha-D-glucopyranose 'C6 H12 O6'
GOL non-polymer GLYCEROL 'C3 H8 O3'
#
# COMPACT_ATOMS: atom_id res chain seq x y z
N ILE A 5 1.97 12.88 15.89
CA ILE A 5 2.20 13.75 14.69
C ILE A 5 2.18 15.21 15.14
N GLU A 6 3.17 16.00 14.70
CA GLU A 6 3.37 17.42 15.13
C GLU A 6 2.19 18.27 14.67
N GLU A 7 1.67 19.13 15.56
CA GLU A 7 0.52 20.04 15.30
C GLU A 7 1.03 21.35 14.68
N GLY A 8 0.18 22.03 13.93
CA GLY A 8 0.48 23.32 13.28
C GLY A 8 1.40 23.15 12.08
N LYS A 9 1.35 21.96 11.46
CA LYS A 9 2.25 21.55 10.35
C LYS A 9 1.53 20.49 9.52
N LEU A 10 1.80 20.45 8.21
CA LEU A 10 1.31 19.37 7.32
C LEU A 10 2.51 18.58 6.81
N VAL A 11 2.50 17.27 7.05
CA VAL A 11 3.46 16.30 6.44
C VAL A 11 2.69 15.53 5.36
N ILE A 12 3.15 15.62 4.11
CA ILE A 12 2.51 14.95 2.95
C ILE A 12 3.44 13.84 2.45
N TRP A 13 2.86 12.67 2.18
CA TRP A 13 3.51 11.51 1.53
C TRP A 13 2.95 11.34 0.13
N ILE A 14 3.82 11.40 -0.88
CA ILE A 14 3.46 11.13 -2.30
C ILE A 14 4.58 10.26 -2.88
N ASN A 15 4.25 9.49 -3.91
CA ASN A 15 5.19 8.53 -4.54
C ASN A 15 6.24 9.29 -5.34
N GLY A 16 7.46 8.73 -5.41
CA GLY A 16 8.66 9.34 -6.02
C GLY A 16 8.56 9.52 -7.53
N ASP A 17 7.56 8.93 -8.19
CA ASP A 17 7.34 9.09 -9.65
C ASP A 17 6.37 10.25 -9.92
N LYS A 18 5.79 10.85 -8.88
CA LYS A 18 4.82 11.97 -9.01
C LYS A 18 5.53 13.31 -8.77
N GLY A 19 4.88 14.41 -9.15
CA GLY A 19 5.43 15.77 -9.08
C GLY A 19 5.47 16.29 -7.65
N TYR A 20 6.39 15.78 -6.82
CA TYR A 20 6.48 16.11 -5.37
C TYR A 20 7.02 17.54 -5.19
N ASN A 21 7.92 17.99 -6.08
CA ASN A 21 8.46 19.37 -6.07
C ASN A 21 7.33 20.36 -6.41
N GLY A 22 6.54 20.04 -7.44
CA GLY A 22 5.34 20.81 -7.80
C GLY A 22 4.39 20.92 -6.61
N LEU A 23 4.18 19.81 -5.90
CA LEU A 23 3.31 19.78 -4.69
C LEU A 23 3.90 20.70 -3.61
N ALA A 24 5.23 20.68 -3.45
CA ALA A 24 5.97 21.52 -2.49
C ALA A 24 5.68 23.00 -2.76
N GLU A 25 5.63 23.40 -4.04
CA GLU A 25 5.33 24.80 -4.45
C GLU A 25 3.92 25.18 -3.97
N VAL A 26 2.97 24.25 -4.04
CA VAL A 26 1.58 24.45 -3.53
C VAL A 26 1.65 24.59 -2.01
N GLY A 27 2.54 23.83 -1.36
CA GLY A 27 2.83 23.92 0.09
C GLY A 27 3.38 25.28 0.50
N LYS A 28 4.28 25.85 -0.30
CA LYS A 28 4.90 27.18 -0.06
C LYS A 28 3.81 28.26 -0.11
N LYS A 29 2.93 28.19 -1.12
CA LYS A 29 1.79 29.14 -1.29
C LYS A 29 0.86 29.05 -0.07
N PHE A 30 0.59 27.83 0.40
CA PHE A 30 -0.22 27.55 1.61
C PHE A 30 0.44 28.19 2.84
N GLU A 31 1.77 28.06 2.96
CA GLU A 31 2.57 28.64 4.07
C GLU A 31 2.48 30.16 3.99
N LYS A 32 2.58 30.73 2.79
CA LYS A 32 2.53 32.19 2.53
C LYS A 32 1.22 32.75 3.10
N ASP A 33 0.09 32.07 2.86
CA ASP A 33 -1.26 32.52 3.25
C ASP A 33 -1.52 32.25 4.73
N THR A 34 -1.11 31.09 5.27
CA THR A 34 -1.53 30.58 6.60
C THR A 34 -0.40 30.62 7.63
N GLY A 35 0.86 30.67 7.19
CA GLY A 35 2.05 30.56 8.06
C GLY A 35 2.40 29.12 8.38
N ILE A 36 1.62 28.15 7.86
CA ILE A 36 1.76 26.70 8.21
C ILE A 36 2.70 26.05 7.19
N LYS A 37 3.85 25.56 7.68
N LYS A 37 3.87 25.59 7.67
CA LYS A 37 4.89 24.88 6.88
CA LYS A 37 4.89 24.91 6.83
C LYS A 37 4.37 23.53 6.40
C LYS A 37 4.33 23.55 6.38
N VAL A 38 4.41 23.29 5.08
CA VAL A 38 4.02 21.99 4.45
C VAL A 38 5.31 21.27 4.06
N THR A 39 5.51 20.05 4.58
CA THR A 39 6.66 19.19 4.25
C THR A 39 6.17 18.04 3.36
N VAL A 40 6.62 18.02 2.11
CA VAL A 40 6.34 16.93 1.12
C VAL A 40 7.50 15.93 1.14
N GLU A 41 7.18 14.66 1.32
CA GLU A 41 8.18 13.56 1.34
C GLU A 41 7.70 12.46 0.38
N HIS A 42 8.66 11.73 -0.20
CA HIS A 42 8.42 10.60 -1.12
C HIS A 42 9.19 9.37 -0.63
N PRO A 43 8.84 8.83 0.55
CA PRO A 43 9.54 7.65 1.08
C PRO A 43 9.27 6.41 0.22
N ASP A 44 10.24 5.50 0.16
CA ASP A 44 10.13 4.21 -0.55
C ASP A 44 9.03 3.38 0.13
N LYS A 45 8.19 2.71 -0.66
CA LYS A 45 7.16 1.76 -0.17
C LYS A 45 6.24 2.48 0.83
N LEU A 46 5.90 3.75 0.56
CA LEU A 46 5.09 4.59 1.49
C LEU A 46 3.74 3.92 1.74
N GLU A 47 3.20 3.27 0.70
CA GLU A 47 1.87 2.59 0.73
C GLU A 47 1.93 1.33 1.62
N GLU A 48 3.11 0.73 1.82
CA GLU A 48 3.34 -0.39 2.77
C GLU A 48 3.67 0.18 4.16
N LYS A 49 4.45 1.27 4.22
CA LYS A 49 4.92 1.90 5.48
C LYS A 49 3.73 2.57 6.22
N PHE A 50 2.77 3.11 5.47
CA PHE A 50 1.65 3.93 6.01
C PHE A 50 0.91 3.19 7.12
N PRO A 51 0.39 1.95 6.90
CA PRO A 51 -0.29 1.23 7.97
C PRO A 51 0.60 0.95 9.20
N GLN A 52 1.88 0.62 8.98
CA GLN A 52 2.87 0.32 10.05
C GLN A 52 2.88 1.45 11.09
N VAL A 53 2.84 2.70 10.63
CA VAL A 53 2.87 3.92 11.50
C VAL A 53 1.43 4.40 11.74
N ALA A 54 0.76 4.96 10.73
CA ALA A 54 -0.50 5.74 10.86
C ALA A 54 -1.49 5.00 11.78
N THR A 56 0.62 6.73 15.07
CA THR A 56 1.56 7.03 13.96
C THR A 56 2.88 7.57 14.51
N GLY A 57 2.81 8.57 15.41
CA GLY A 57 3.97 9.27 15.98
C GLY A 57 4.55 10.26 14.98
N ASP A 58 5.04 9.75 13.84
CA ASP A 58 5.60 10.55 12.71
C ASP A 58 5.04 10.03 11.38
N GLY A 59 3.80 9.52 11.38
CA GLY A 59 3.03 9.23 10.16
C GLY A 59 2.57 10.53 9.50
N PRO A 60 2.25 10.54 8.18
CA PRO A 60 1.90 11.78 7.49
C PRO A 60 0.47 12.25 7.79
N ASP A 61 0.21 13.53 7.60
CA ASP A 61 -1.14 14.14 7.73
C ASP A 61 -1.98 13.75 6.50
N ILE A 62 -1.35 13.80 5.33
CA ILE A 62 -1.97 13.48 4.02
C ILE A 62 -1.14 12.39 3.34
N ILE A 63 -1.79 11.37 2.79
CA ILE A 63 -1.12 10.33 1.95
C ILE A 63 -1.72 10.35 0.56
N PHE A 64 -0.86 10.37 -0.46
CA PHE A 64 -1.23 10.26 -1.90
C PHE A 64 -0.93 8.86 -2.42
N TRP A 65 -1.89 8.30 -3.16
CA TRP A 65 -1.73 7.02 -3.91
C TRP A 65 -2.93 6.86 -4.85
N ALA A 66 -2.84 5.96 -5.81
CA ALA A 66 -4.02 5.51 -6.58
C ALA A 66 -5.07 5.00 -5.58
N HIS A 67 -6.34 5.12 -5.94
CA HIS A 67 -7.51 4.86 -5.05
C HIS A 67 -7.57 3.39 -4.60
N ASP A 68 -6.83 2.48 -5.25
CA ASP A 68 -7.00 1.01 -5.05
C ASP A 68 -6.63 0.63 -3.61
N ARG A 69 -5.68 1.34 -3.00
CA ARG A 69 -5.13 0.97 -1.67
C ARG A 69 -5.96 1.60 -0.54
N PHE A 70 -6.82 2.57 -0.83
CA PHE A 70 -7.51 3.39 0.21
C PHE A 70 -8.62 2.58 0.90
N GLY A 71 -9.21 1.59 0.22
CA GLY A 71 -10.24 0.72 0.82
C GLY A 71 -9.68 -0.10 1.97
N GLY A 72 -8.46 -0.61 1.81
CA GLY A 72 -7.72 -1.35 2.86
C GLY A 72 -7.39 -0.46 4.05
N TYR A 73 -6.98 0.78 3.81
CA TYR A 73 -6.66 1.77 4.86
C TYR A 73 -7.93 2.10 5.66
N ALA A 74 -9.04 2.33 4.97
CA ALA A 74 -10.35 2.68 5.58
C ALA A 74 -10.86 1.49 6.43
N GLN A 75 -10.67 0.25 5.98
CA GLN A 75 -11.07 -0.97 6.73
C GLN A 75 -10.33 -1.01 8.08
N SER A 76 -9.02 -0.76 8.05
CA SER A 76 -8.13 -0.75 9.24
C SER A 76 -8.47 0.46 10.13
N GLY A 77 -9.15 1.47 9.59
CA GLY A 77 -9.58 2.68 10.32
C GLY A 77 -8.48 3.73 10.33
N LEU A 78 -7.68 3.82 9.26
CA LEU A 78 -6.49 4.69 9.19
C LEU A 78 -6.86 6.07 8.62
N LEU A 79 -8.02 6.19 7.97
CA LEU A 79 -8.41 7.42 7.23
C LEU A 79 -9.57 8.11 7.95
N ALA A 80 -9.54 9.45 7.95
CA ALA A 80 -10.67 10.31 8.34
C ALA A 80 -11.66 10.35 7.18
N GLU A 81 -12.96 10.25 7.50
CA GLU A 81 -14.07 10.49 6.55
C GLU A 81 -13.98 11.95 6.12
N ILE A 82 -13.62 12.21 4.86
CA ILE A 82 -13.50 13.60 4.35
C ILE A 82 -14.90 14.19 4.26
N THR A 83 -15.01 15.50 4.51
CA THR A 83 -16.30 16.22 4.65
C THR A 83 -16.36 17.39 3.66
N PRO A 84 -16.17 17.14 2.34
CA PRO A 84 -16.28 18.21 1.36
C PRO A 84 -17.74 18.61 1.20
N ALA A 85 -18.03 19.92 1.17
CA ALA A 85 -19.37 20.48 0.93
C ALA A 85 -19.82 20.12 -0.49
N ALA A 86 -21.13 20.10 -0.73
CA ALA A 86 -21.75 19.75 -2.03
C ALA A 86 -21.26 20.69 -3.13
N ALA A 87 -21.09 21.97 -2.82
CA ALA A 87 -20.56 22.99 -3.75
C ALA A 87 -19.17 22.55 -4.23
N PHE A 88 -18.34 22.04 -3.33
CA PHE A 88 -16.97 21.57 -3.67
C PHE A 88 -17.05 20.29 -4.53
N GLN A 89 -17.88 19.33 -4.12
CA GLN A 89 -18.03 18.03 -4.82
C GLN A 89 -18.40 18.27 -6.29
N ASP A 90 -19.22 19.29 -6.57
CA ASP A 90 -19.70 19.61 -7.95
C ASP A 90 -18.54 20.09 -8.82
N LYS A 91 -17.44 20.58 -8.23
CA LYS A 91 -16.27 21.09 -8.99
C LYS A 91 -15.44 19.94 -9.55
N LEU A 92 -15.53 18.74 -8.97
CA LEU A 92 -14.81 17.53 -9.45
C LEU A 92 -15.78 16.61 -10.19
N TYR A 93 -15.26 15.82 -11.13
CA TYR A 93 -16.03 14.82 -11.93
C TYR A 93 -16.59 13.76 -10.98
N PRO A 94 -17.93 13.54 -11.00
CA PRO A 94 -18.57 12.56 -10.11
C PRO A 94 -18.04 11.13 -10.27
N PHE A 95 -17.49 10.78 -11.43
CA PHE A 95 -16.76 9.51 -11.66
C PHE A 95 -15.64 9.36 -10.63
N THR A 96 -14.89 10.44 -10.39
CA THR A 96 -13.67 10.42 -9.54
C THR A 96 -14.08 10.23 -8.08
N TRP A 97 -15.21 10.80 -7.67
CA TRP A 97 -15.77 10.67 -6.30
C TRP A 97 -16.12 9.20 -6.02
N ASP A 98 -16.69 8.51 -7.01
CA ASP A 98 -17.08 7.08 -6.91
C ASP A 98 -15.86 6.22 -6.59
N ALA A 99 -14.68 6.57 -7.11
CA ALA A 99 -13.43 5.80 -6.92
C ALA A 99 -12.92 5.95 -5.47
N VAL A 100 -13.29 7.03 -4.76
CA VAL A 100 -12.75 7.31 -3.41
C VAL A 100 -13.85 7.07 -2.36
N ARG A 101 -14.88 6.31 -2.73
CA ARG A 101 -15.98 5.91 -1.83
C ARG A 101 -15.73 4.49 -1.36
N TYR A 102 -15.88 4.25 -0.05
CA TYR A 102 -15.76 2.90 0.55
C TYR A 102 -16.84 2.71 1.63
N ASN A 103 -17.67 1.68 1.48
CA ASN A 103 -18.81 1.39 2.38
C ASN A 103 -19.67 2.65 2.52
N GLY A 104 -19.98 3.30 1.39
CA GLY A 104 -20.90 4.45 1.32
C GLY A 104 -20.26 5.78 1.72
N LYS A 105 -19.02 5.76 2.23
CA LYS A 105 -18.34 6.98 2.77
C LYS A 105 -17.15 7.37 1.90
N LEU A 106 -16.98 8.69 1.67
CA LEU A 106 -15.80 9.29 1.00
C LEU A 106 -14.62 9.23 1.96
N ILE A 107 -13.47 8.71 1.51
CA ILE A 107 -12.29 8.42 2.38
C ILE A 107 -11.04 9.08 1.79
N ALA A 108 -11.17 9.84 0.71
CA ALA A 108 -10.03 10.50 0.05
C ALA A 108 -10.56 11.56 -0.94
N TYR A 109 -9.72 12.54 -1.25
CA TYR A 109 -9.96 13.52 -2.35
C TYR A 109 -9.40 12.95 -3.64
N PRO A 110 -10.21 12.85 -4.71
CA PRO A 110 -9.68 12.39 -6.00
C PRO A 110 -8.89 13.54 -6.63
N ILE A 111 -7.75 13.24 -7.25
CA ILE A 111 -6.83 14.26 -7.81
C ILE A 111 -6.83 14.16 -9.34
N ALA A 112 -6.59 12.97 -9.89
CA ALA A 112 -6.40 12.78 -11.35
C ALA A 112 -6.63 11.32 -11.78
N VAL A 113 -7.18 11.14 -12.97
CA VAL A 113 -7.35 9.79 -13.60
C VAL A 113 -6.07 9.43 -14.36
N GLU A 114 -5.54 8.23 -14.06
CA GLU A 114 -4.30 7.68 -14.64
C GLU A 114 -4.63 6.41 -15.43
N ALA A 115 -4.03 6.28 -16.61
CA ALA A 115 -4.02 5.04 -17.41
C ALA A 115 -2.69 4.94 -18.15
N LEU A 116 -2.22 3.71 -18.34
CA LEU A 116 -1.01 3.42 -19.16
C LEU A 116 -1.35 3.69 -20.62
N SER A 117 -0.41 4.26 -21.37
CA SER A 117 -0.48 4.36 -22.84
C SER A 117 0.77 3.73 -23.47
N LEU A 118 0.69 3.43 -24.76
CA LEU A 118 1.88 3.12 -25.57
C LEU A 118 2.59 4.43 -25.89
N ILE A 119 3.85 4.52 -25.50
CA ILE A 119 4.72 5.67 -25.86
C ILE A 119 5.74 5.16 -26.86
N TYR A 120 5.94 5.88 -27.97
CA TYR A 120 6.81 5.42 -29.07
C TYR A 120 7.65 6.58 -29.62
N ASN A 121 8.83 6.22 -30.12
CA ASN A 121 9.81 7.12 -30.74
C ASN A 121 9.42 7.35 -32.21
N LYS A 122 8.94 8.54 -32.55
CA LYS A 122 8.37 8.86 -33.89
C LYS A 122 9.47 8.80 -34.97
N ASP A 123 10.72 9.07 -34.59
CA ASP A 123 11.88 8.97 -35.51
C ASP A 123 12.16 7.50 -35.82
N LEU A 124 12.28 6.66 -34.80
CA LEU A 124 12.55 5.20 -34.97
C LEU A 124 11.31 4.50 -35.55
N LEU A 125 10.11 4.86 -35.11
CA LEU A 125 8.87 4.10 -35.42
C LEU A 125 7.75 5.06 -35.81
N PRO A 126 7.76 5.55 -37.08
CA PRO A 126 6.75 6.51 -37.54
C PRO A 126 5.30 6.04 -37.34
N ASN A 127 5.04 4.77 -37.67
CA ASN A 127 3.69 4.13 -37.58
C ASN A 127 3.74 3.05 -36.49
N PRO A 128 3.24 3.33 -35.27
CA PRO A 128 3.34 2.37 -34.17
C PRO A 128 2.47 1.15 -34.46
N PRO A 129 2.82 -0.05 -33.92
CA PRO A 129 2.08 -1.27 -34.20
C PRO A 129 0.70 -1.25 -33.52
N LYS A 130 -0.34 -1.70 -34.22
CA LYS A 130 -1.73 -1.74 -33.68
C LYS A 130 -1.92 -3.01 -32.84
N THR A 131 -1.07 -4.03 -33.02
CA THR A 131 -1.20 -5.35 -32.36
C THR A 131 0.08 -5.70 -31.59
N TRP A 132 -0.06 -6.45 -30.51
CA TRP A 132 1.06 -7.09 -29.78
C TRP A 132 1.77 -8.08 -30.73
N GLU A 133 1.01 -8.79 -31.56
CA GLU A 133 1.48 -9.93 -32.39
C GLU A 133 2.52 -9.45 -33.42
N GLU A 134 2.54 -8.17 -33.80
CA GLU A 134 3.50 -7.58 -34.76
C GLU A 134 4.89 -7.37 -34.15
N ILE A 135 4.98 -7.27 -32.82
CA ILE A 135 6.17 -6.69 -32.13
C ILE A 135 7.40 -7.57 -32.36
N PRO A 136 7.32 -8.91 -32.31
CA PRO A 136 8.48 -9.76 -32.59
C PRO A 136 9.15 -9.44 -33.94
N ALA A 137 8.35 -9.34 -35.00
CA ALA A 137 8.83 -8.98 -36.36
C ALA A 137 9.50 -7.60 -36.30
N LEU A 138 8.80 -6.63 -35.72
CA LEU A 138 9.30 -5.24 -35.61
C LEU A 138 10.64 -5.22 -34.88
N ASP A 139 10.78 -6.02 -33.81
CA ASP A 139 12.01 -6.07 -32.97
C ASP A 139 13.17 -6.65 -33.80
N LYS A 140 12.95 -7.75 -34.50
CA LYS A 140 13.99 -8.37 -35.40
C LYS A 140 14.48 -7.29 -36.37
N GLU A 141 13.54 -6.55 -36.99
CA GLU A 141 13.85 -5.46 -37.95
C GLU A 141 14.68 -4.37 -37.25
N LEU A 142 14.32 -3.99 -36.03
CA LEU A 142 15.02 -2.93 -35.24
C LEU A 142 16.37 -3.44 -34.71
N LYS A 143 16.46 -4.74 -34.36
CA LYS A 143 17.70 -5.36 -33.80
C LYS A 143 18.83 -5.29 -34.83
N ALA A 144 18.49 -5.39 -36.11
CA ALA A 144 19.42 -5.29 -37.26
C ALA A 144 20.03 -3.87 -37.31
N LYS A 145 19.34 -2.86 -36.77
CA LYS A 145 19.80 -1.45 -36.71
C LYS A 145 20.32 -1.12 -35.30
N GLY A 146 20.58 -2.14 -34.48
CA GLY A 146 21.13 -2.01 -33.12
C GLY A 146 20.16 -1.43 -32.11
N LYS A 147 18.85 -1.51 -32.38
CA LYS A 147 17.78 -0.99 -31.47
C LYS A 147 16.87 -2.15 -31.07
N SER A 148 15.93 -1.89 -30.15
CA SER A 148 14.88 -2.86 -29.75
C SER A 148 13.51 -2.23 -29.98
N ALA A 149 12.48 -3.06 -30.11
CA ALA A 149 11.07 -2.64 -30.32
C ALA A 149 10.51 -2.04 -29.02
N LEU A 150 10.60 -2.78 -27.91
CA LEU A 150 9.77 -2.51 -26.70
C LEU A 150 10.52 -2.86 -25.42
N MET A 151 10.48 -1.94 -24.45
CA MET A 151 10.95 -2.14 -23.06
C MET A 151 10.05 -1.40 -22.09
N PHE A 152 9.49 -2.11 -21.11
CA PHE A 152 8.71 -1.53 -20.02
C PHE A 152 8.96 -2.32 -18.73
N ASN A 153 8.43 -1.81 -17.63
CA ASN A 153 8.63 -2.36 -16.26
C ASN A 153 7.96 -3.74 -16.20
N LEU A 154 8.76 -4.80 -16.15
CA LEU A 154 8.25 -6.19 -16.03
C LEU A 154 8.25 -6.63 -14.56
N GLN A 155 8.69 -5.76 -13.64
CA GLN A 155 8.74 -6.10 -12.19
C GLN A 155 7.39 -5.81 -11.54
N GLU A 156 6.62 -4.86 -12.09
CA GLU A 156 5.34 -4.41 -11.48
C GLU A 156 4.18 -4.87 -12.36
N PRO A 157 3.24 -5.63 -11.77
CA PRO A 157 2.12 -6.22 -12.53
C PRO A 157 1.21 -5.17 -13.17
N TYR A 158 1.21 -3.94 -12.65
CA TYR A 158 0.46 -2.79 -13.21
C TYR A 158 0.73 -2.69 -14.73
N PHE A 159 1.98 -2.91 -15.14
CA PHE A 159 2.44 -2.68 -16.54
C PHE A 159 2.10 -3.87 -17.43
N THR A 160 2.00 -5.07 -16.88
CA THR A 160 1.78 -6.34 -17.64
C THR A 160 0.29 -6.70 -17.65
N TRP A 161 -0.48 -6.19 -16.69
CA TRP A 161 -1.93 -6.52 -16.55
C TRP A 161 -2.70 -6.23 -17.83
N PRO A 162 -2.50 -5.09 -18.52
CA PRO A 162 -3.30 -4.77 -19.71
C PRO A 162 -3.26 -5.90 -20.76
N LEU A 163 -2.11 -6.54 -20.90
CA LEU A 163 -1.92 -7.72 -21.81
C LEU A 163 -2.64 -8.93 -21.23
N ILE A 164 -2.51 -9.18 -19.93
CA ILE A 164 -3.09 -10.36 -19.24
C ILE A 164 -4.63 -10.28 -19.33
N ALA A 165 -5.19 -9.07 -19.19
CA ALA A 165 -6.66 -8.85 -19.12
C ALA A 165 -7.28 -8.82 -20.51
N ALA A 166 -6.50 -8.54 -21.56
CA ALA A 166 -7.00 -8.29 -22.95
C ALA A 166 -7.93 -9.42 -23.41
N ASP A 167 -7.54 -10.67 -23.24
CA ASP A 167 -8.29 -11.84 -23.77
C ASP A 167 -9.17 -12.47 -22.67
N GLY A 168 -9.26 -11.87 -21.47
CA GLY A 168 -10.24 -12.32 -20.46
C GLY A 168 -9.73 -12.36 -19.03
N GLY A 169 -8.46 -12.05 -18.77
CA GLY A 169 -7.98 -11.92 -17.38
C GLY A 169 -8.80 -10.87 -16.63
N TYR A 170 -9.16 -11.13 -15.37
CA TYR A 170 -9.79 -10.13 -14.46
C TYR A 170 -9.36 -10.41 -13.02
N ALA A 171 -9.47 -9.39 -12.16
CA ALA A 171 -9.15 -9.49 -10.72
C ALA A 171 -10.29 -10.23 -10.02
N PHE A 172 -11.43 -9.56 -9.85
CA PHE A 172 -12.62 -10.08 -9.12
C PHE A 172 -13.85 -9.90 -9.99
N LYS A 173 -14.59 -10.99 -10.18
CA LYS A 173 -15.89 -10.96 -10.92
C LYS A 173 -16.85 -10.07 -10.13
N TYR A 174 -17.46 -9.10 -10.80
CA TYR A 174 -18.55 -8.29 -10.23
C TYR A 174 -19.83 -9.12 -10.28
N ALA A 175 -20.51 -9.24 -9.15
CA ALA A 175 -21.76 -10.05 -9.00
C ALA A 175 -22.52 -9.59 -7.76
N ALA A 176 -23.86 -9.60 -7.85
CA ALA A 176 -24.78 -9.17 -6.77
C ALA A 176 -24.38 -7.77 -6.27
N GLY A 177 -23.99 -6.88 -7.18
CA GLY A 177 -23.74 -5.45 -6.89
C GLY A 177 -22.42 -5.18 -6.17
N LYS A 178 -21.50 -6.14 -6.19
CA LYS A 178 -20.18 -6.01 -5.50
C LYS A 178 -19.16 -6.94 -6.17
N TYR A 179 -17.88 -6.71 -5.90
CA TYR A 179 -16.78 -7.60 -6.32
C TYR A 179 -16.86 -8.92 -5.53
N ASP A 180 -16.97 -10.05 -6.23
CA ASP A 180 -16.97 -11.41 -5.65
C ASP A 180 -15.52 -11.90 -5.52
N ILE A 181 -14.94 -11.82 -4.32
CA ILE A 181 -13.50 -12.12 -4.08
C ILE A 181 -13.23 -13.64 -4.15
N LYS A 182 -14.27 -14.47 -4.22
CA LYS A 182 -14.14 -15.95 -4.42
C LYS A 182 -14.04 -16.27 -5.91
N ASP A 183 -14.40 -15.33 -6.78
CA ASP A 183 -14.34 -15.50 -8.25
C ASP A 183 -13.19 -14.65 -8.80
N VAL A 184 -11.99 -15.23 -8.87
CA VAL A 184 -10.76 -14.57 -9.38
C VAL A 184 -10.52 -15.01 -10.82
N GLY A 185 -10.05 -14.11 -11.68
CA GLY A 185 -9.92 -14.33 -13.13
C GLY A 185 -8.47 -14.36 -13.58
N VAL A 186 -7.61 -15.01 -12.80
CA VAL A 186 -6.13 -14.94 -12.95
C VAL A 186 -5.61 -16.18 -13.71
N ASP A 187 -6.30 -17.32 -13.66
CA ASP A 187 -5.82 -18.56 -14.34
C ASP A 187 -6.84 -19.07 -15.37
N ASN A 188 -7.62 -18.19 -16.00
CA ASN A 188 -8.49 -18.58 -17.14
C ASN A 188 -7.66 -18.51 -18.43
N ALA A 189 -8.24 -18.96 -19.55
CA ALA A 189 -7.56 -19.05 -20.86
C ALA A 189 -7.05 -17.66 -21.28
N GLY A 190 -7.85 -16.62 -21.03
CA GLY A 190 -7.51 -15.22 -21.38
C GLY A 190 -6.23 -14.76 -20.70
N ALA A 191 -6.11 -15.01 -19.39
CA ALA A 191 -4.93 -14.64 -18.58
C ALA A 191 -3.72 -15.47 -19.03
N LYS A 192 -3.90 -16.77 -19.24
CA LYS A 192 -2.81 -17.70 -19.66
C LYS A 192 -2.25 -17.26 -21.02
N ALA A 193 -3.14 -16.94 -21.97
CA ALA A 193 -2.76 -16.49 -23.33
C ALA A 193 -1.92 -15.20 -23.23
N GLY A 194 -2.35 -14.24 -22.41
CA GLY A 194 -1.66 -12.95 -22.24
C GLY A 194 -0.26 -13.12 -21.68
N LEU A 195 -0.15 -13.82 -20.55
CA LEU A 195 1.15 -14.00 -19.84
C LEU A 195 2.06 -14.87 -20.70
N THR A 196 1.51 -15.87 -21.41
CA THR A 196 2.28 -16.73 -22.34
C THR A 196 2.91 -15.86 -23.42
N PHE A 197 2.15 -14.88 -23.95
CA PHE A 197 2.67 -13.97 -25.00
C PHE A 197 3.84 -13.15 -24.43
N LEU A 198 3.72 -12.71 -23.18
CA LEU A 198 4.79 -11.98 -22.45
C LEU A 198 6.01 -12.90 -22.32
N VAL A 199 5.80 -14.11 -21.81
CA VAL A 199 6.91 -15.08 -21.55
C VAL A 199 7.61 -15.42 -22.88
N ASP A 200 6.86 -15.53 -23.97
CA ASP A 200 7.43 -15.85 -25.31
C ASP A 200 8.29 -14.68 -25.80
N LEU A 201 7.88 -13.43 -25.56
CA LEU A 201 8.69 -12.25 -25.94
C LEU A 201 10.08 -12.35 -25.28
N ILE A 202 10.12 -12.79 -24.02
CA ILE A 202 11.37 -12.91 -23.22
C ILE A 202 12.17 -14.11 -23.73
N LYS A 203 11.52 -15.25 -23.96
CA LYS A 203 12.19 -16.47 -24.47
C LYS A 203 12.84 -16.17 -25.83
N ASN A 204 12.25 -15.28 -26.63
CA ASN A 204 12.68 -14.96 -28.02
C ASN A 204 13.59 -13.72 -28.05
N LYS A 205 13.99 -13.21 -26.89
CA LYS A 205 14.99 -12.11 -26.74
C LYS A 205 14.41 -10.77 -27.21
N HIS A 206 13.08 -10.64 -27.26
CA HIS A 206 12.40 -9.38 -27.65
C HIS A 206 12.29 -8.45 -26.44
N MET A 207 12.31 -9.04 -25.24
CA MET A 207 12.40 -8.33 -23.95
C MET A 207 13.25 -9.15 -22.97
N ASN A 208 13.60 -8.53 -21.85
CA ASN A 208 14.51 -9.06 -20.81
C ASN A 208 13.74 -9.08 -19.48
N ALA A 209 13.61 -10.25 -18.85
CA ALA A 209 12.84 -10.46 -17.60
C ALA A 209 13.30 -9.47 -16.52
N ASP A 210 14.58 -9.05 -16.53
CA ASP A 210 15.20 -8.17 -15.50
C ASP A 210 14.74 -6.71 -15.63
N THR A 211 14.16 -6.32 -16.77
CA THR A 211 13.82 -4.91 -17.08
C THR A 211 12.86 -4.37 -16.02
N ASP A 212 13.22 -3.24 -15.40
CA ASP A 212 12.40 -2.54 -14.39
C ASP A 212 12.12 -1.12 -14.89
N TYR A 213 11.49 -0.29 -14.07
CA TYR A 213 11.08 1.10 -14.41
C TYR A 213 12.29 1.90 -14.92
N SER A 214 13.37 1.95 -14.12
CA SER A 214 14.60 2.73 -14.41
C SER A 214 15.17 2.29 -15.77
N ILE A 215 15.35 0.99 -15.97
CA ILE A 215 16.02 0.43 -17.18
C ILE A 215 15.20 0.78 -18.42
N ALA A 216 13.89 0.56 -18.39
CA ALA A 216 12.97 0.82 -19.51
C ALA A 216 12.98 2.32 -19.84
N GLU A 217 12.87 3.17 -18.82
CA GLU A 217 12.83 4.65 -18.97
C GLU A 217 14.14 5.14 -19.58
N ALA A 218 15.27 4.74 -19.00
CA ALA A 218 16.63 5.09 -19.47
C ALA A 218 16.77 4.67 -20.94
N ALA A 219 16.38 3.44 -21.25
CA ALA A 219 16.50 2.83 -22.60
C ALA A 219 15.71 3.67 -23.60
N PHE A 220 14.43 3.92 -23.34
CA PHE A 220 13.54 4.68 -24.26
C PHE A 220 14.06 6.12 -24.40
N ASN A 221 14.37 6.76 -23.28
CA ASN A 221 14.75 8.20 -23.23
C ASN A 221 16.12 8.42 -23.89
N LYS A 222 16.94 7.38 -24.06
CA LYS A 222 18.24 7.49 -24.77
C LYS A 222 18.09 7.07 -26.24
N GLY A 223 16.88 6.68 -26.65
CA GLY A 223 16.58 6.31 -28.05
C GLY A 223 17.02 4.88 -28.40
N GLU A 224 17.20 4.01 -27.40
CA GLU A 224 17.71 2.62 -27.58
C GLU A 224 16.56 1.68 -27.95
N THR A 225 15.36 1.93 -27.43
CA THR A 225 14.14 1.11 -27.70
C THR A 225 13.06 2.00 -28.34
N ALA A 226 12.34 1.48 -29.33
CA ALA A 226 11.36 2.22 -30.14
C ALA A 226 10.10 2.55 -29.32
N MET A 227 9.80 1.75 -28.30
CA MET A 227 8.53 1.88 -27.55
C MET A 227 8.75 1.60 -26.08
N THR A 228 7.86 2.15 -25.25
CA THR A 228 7.72 1.80 -23.82
C THR A 228 6.25 1.82 -23.47
N ILE A 229 5.93 1.37 -22.26
CA ILE A 229 4.56 1.46 -21.69
C ILE A 229 4.68 2.20 -20.36
N ASN A 230 3.93 3.29 -20.21
CA ASN A 230 4.04 4.15 -19.01
C ASN A 230 2.87 5.13 -18.95
N GLY A 231 2.78 5.83 -17.82
CA GLY A 231 1.71 6.77 -17.52
C GLY A 231 2.14 8.22 -17.74
N PRO A 232 1.21 9.17 -17.57
CA PRO A 232 1.46 10.60 -17.75
C PRO A 232 2.68 11.16 -17.01
N TRP A 233 2.91 10.70 -15.79
CA TRP A 233 4.05 11.10 -14.92
C TRP A 233 5.38 10.96 -15.67
N ALA A 234 5.48 10.04 -16.62
CA ALA A 234 6.73 9.71 -17.34
C ALA A 234 7.08 10.76 -18.42
N TRP A 235 6.13 11.61 -18.82
CA TRP A 235 6.30 12.49 -20.00
C TRP A 235 7.40 13.54 -19.76
N SER A 236 7.51 14.06 -18.54
CA SER A 236 8.47 15.13 -18.16
C SER A 236 9.90 14.71 -18.55
N ASN A 237 10.32 13.52 -18.12
CA ASN A 237 11.70 13.02 -18.36
C ASN A 237 11.90 12.81 -19.86
N ILE A 238 10.85 12.47 -20.61
CA ILE A 238 10.99 12.26 -22.08
C ILE A 238 11.19 13.64 -22.72
N ASP A 239 10.44 14.65 -22.27
CA ASP A 239 10.60 16.06 -22.73
C ASP A 239 12.08 16.45 -22.61
N THR A 240 12.71 16.16 -21.47
CA THR A 240 14.12 16.52 -21.18
C THR A 240 15.06 15.77 -22.13
N SER A 241 14.68 14.58 -22.58
CA SER A 241 15.45 13.79 -23.59
C SER A 241 15.26 14.38 -24.99
N ALA A 242 16.04 13.90 -25.96
CA ALA A 242 16.01 14.36 -27.38
C ALA A 242 15.02 13.51 -28.19
N VAL A 243 14.16 12.72 -27.56
CA VAL A 243 13.22 11.79 -28.25
C VAL A 243 11.93 12.54 -28.62
N ASN A 244 11.57 12.52 -29.90
CA ASN A 244 10.24 12.90 -30.43
C ASN A 244 9.28 11.75 -30.17
N TYR A 245 8.40 11.90 -29.18
CA TYR A 245 7.53 10.79 -28.71
C TYR A 245 6.07 11.10 -29.02
N GLY A 246 5.32 10.03 -29.27
CA GLY A 246 3.85 10.03 -29.35
C GLY A 246 3.27 9.12 -28.28
N VAL A 247 2.13 9.51 -27.74
CA VAL A 247 1.36 8.71 -26.75
C VAL A 247 0.11 8.22 -27.47
N THR A 248 -0.10 6.90 -27.51
CA THR A 248 -1.15 6.30 -28.38
C THR A 248 -1.85 5.16 -27.65
N VAL A 249 -2.87 4.61 -28.30
CA VAL A 249 -3.65 3.44 -27.79
C VAL A 249 -2.68 2.25 -27.66
N LEU A 250 -2.83 1.48 -26.59
CA LEU A 250 -2.02 0.25 -26.38
C LEU A 250 -2.31 -0.72 -27.51
N PRO A 251 -1.35 -1.59 -27.87
CA PRO A 251 -1.58 -2.59 -28.91
C PRO A 251 -2.70 -3.55 -28.49
N THR A 252 -3.48 -4.00 -29.45
CA THR A 252 -4.50 -5.06 -29.23
C THR A 252 -3.78 -6.41 -29.08
N PHE A 253 -4.42 -7.34 -28.37
CA PHE A 253 -3.95 -8.74 -28.23
C PHE A 253 -5.13 -9.65 -28.58
N LYS A 254 -4.91 -10.56 -29.54
CA LYS A 254 -5.95 -11.45 -30.10
C LYS A 254 -7.12 -10.61 -30.60
N GLY A 255 -6.81 -9.45 -31.19
CA GLY A 255 -7.81 -8.54 -31.77
C GLY A 255 -8.64 -7.79 -30.72
N GLN A 256 -8.30 -7.93 -29.43
N GLN A 256 -8.30 -7.91 -29.44
CA GLN A 256 -8.99 -7.27 -28.30
CA GLN A 256 -9.03 -7.24 -28.33
C GLN A 256 -8.12 -6.15 -27.75
C GLN A 256 -8.12 -6.17 -27.72
N PRO A 257 -8.69 -5.03 -27.26
CA PRO A 257 -7.89 -3.97 -26.66
C PRO A 257 -7.18 -4.45 -25.39
N SER A 258 -5.96 -3.97 -25.18
CA SER A 258 -5.26 -4.06 -23.87
C SER A 258 -6.08 -3.25 -22.87
N LYS A 259 -6.27 -3.79 -21.66
CA LYS A 259 -7.22 -3.29 -20.65
C LYS A 259 -6.45 -2.87 -19.42
N PRO A 260 -5.84 -1.66 -19.42
CA PRO A 260 -5.08 -1.19 -18.27
C PRO A 260 -6.02 -0.97 -17.09
N PHE A 261 -5.56 -1.27 -15.88
CA PHE A 261 -6.26 -0.89 -14.64
C PHE A 261 -6.16 0.62 -14.49
N VAL A 262 -7.31 1.30 -14.42
CA VAL A 262 -7.39 2.79 -14.31
C VAL A 262 -7.19 3.18 -12.84
N GLY A 263 -6.28 4.13 -12.60
CA GLY A 263 -5.97 4.64 -11.26
C GLY A 263 -6.48 6.05 -11.09
N VAL A 264 -7.11 6.34 -9.96
CA VAL A 264 -7.45 7.73 -9.56
C VAL A 264 -6.48 8.12 -8.45
N LEU A 265 -5.46 8.91 -8.78
CA LEU A 265 -4.54 9.47 -7.77
C LEU A 265 -5.40 10.23 -6.75
N SER A 266 -5.24 9.88 -5.48
CA SER A 266 -6.15 10.30 -4.39
C SER A 266 -5.33 10.73 -3.19
N ALA A 267 -5.86 11.69 -2.42
CA ALA A 267 -5.25 12.22 -1.19
C ALA A 267 -6.14 11.87 -0.01
N GLY A 268 -5.65 11.00 0.87
CA GLY A 268 -6.32 10.63 2.12
C GLY A 268 -5.76 11.43 3.27
N ILE A 269 -6.62 11.74 4.25
CA ILE A 269 -6.23 12.42 5.52
C ILE A 269 -6.08 11.35 6.60
N ASN A 270 -4.91 11.29 7.22
CA ASN A 270 -4.58 10.33 8.31
C ASN A 270 -5.58 10.53 9.44
N ALA A 271 -6.15 9.44 9.96
CA ALA A 271 -7.13 9.45 11.08
C ALA A 271 -6.44 9.95 12.37
N ALA A 272 -5.11 9.80 12.47
CA ALA A 272 -4.29 10.18 13.64
C ALA A 272 -3.84 11.65 13.54
N SER A 273 -4.00 12.29 12.38
CA SER A 273 -3.60 13.69 12.14
C SER A 273 -4.36 14.61 13.08
N PRO A 274 -3.66 15.53 13.79
CA PRO A 274 -4.33 16.60 14.53
C PRO A 274 -4.62 17.81 13.63
N ASN A 275 -4.29 17.72 12.33
CA ASN A 275 -4.33 18.86 11.37
C ASN A 275 -5.35 18.58 10.27
N LYS A 276 -6.48 17.96 10.62
CA LYS A 276 -7.53 17.53 9.65
C LYS A 276 -8.12 18.77 8.96
N GLU A 277 -8.36 19.85 9.72
CA GLU A 277 -8.92 21.13 9.24
C GLU A 277 -7.93 21.80 8.27
N LEU A 278 -6.64 21.81 8.62
CA LEU A 278 -5.57 22.38 7.75
C LEU A 278 -5.44 21.54 6.48
N ALA A 279 -5.54 20.20 6.60
CA ALA A 279 -5.48 19.25 5.47
C ALA A 279 -6.62 19.54 4.48
N LYS A 280 -7.85 19.67 5.00
CA LYS A 280 -9.07 20.02 4.23
C LYS A 280 -8.82 21.31 3.45
N GLU A 281 -8.31 22.35 4.12
CA GLU A 281 -8.05 23.70 3.55
C GLU A 281 -7.05 23.58 2.39
N PHE A 282 -5.92 22.90 2.61
CA PHE A 282 -4.85 22.72 1.60
C PHE A 282 -5.40 21.98 0.38
N LEU A 283 -6.05 20.83 0.60
CA LEU A 283 -6.51 19.96 -0.50
C LEU A 283 -7.63 20.66 -1.30
N GLU A 284 -8.61 21.23 -0.62
CA GLU A 284 -9.80 21.82 -1.29
C GLU A 284 -9.44 23.15 -1.96
N ASN A 285 -8.66 24.01 -1.29
CA ASN A 285 -8.56 25.45 -1.68
C ASN A 285 -7.17 25.82 -2.20
N TYR A 286 -6.21 24.89 -2.22
CA TYR A 286 -4.85 25.15 -2.76
C TYR A 286 -4.52 24.12 -3.85
N LEU A 287 -4.52 22.83 -3.54
CA LEU A 287 -4.16 21.78 -4.53
C LEU A 287 -5.27 21.72 -5.59
N LEU A 288 -6.49 21.37 -5.21
CA LEU A 288 -7.61 21.13 -6.16
C LEU A 288 -8.16 22.47 -6.64
N THR A 289 -7.29 23.27 -7.26
CA THR A 289 -7.59 24.54 -7.98
C THR A 289 -6.80 24.52 -9.29
N ASP A 290 -7.16 25.43 -10.21
CA ASP A 290 -6.44 25.61 -11.50
C ASP A 290 -4.95 25.79 -11.21
N GLU A 291 -4.59 26.77 -10.38
CA GLU A 291 -3.17 27.15 -10.14
C GLU A 291 -2.44 26.01 -9.41
N GLY A 292 -3.11 25.28 -8.51
CA GLY A 292 -2.51 24.20 -7.71
C GLY A 292 -2.20 22.99 -8.56
N LEU A 293 -3.18 22.50 -9.31
CA LEU A 293 -2.98 21.34 -10.22
C LEU A 293 -1.98 21.72 -11.31
N GLU A 294 -1.94 22.99 -11.73
CA GLU A 294 -0.97 23.48 -12.75
C GLU A 294 0.48 23.30 -12.24
N ALA A 295 0.75 23.69 -11.00
CA ALA A 295 2.10 23.57 -10.39
C ALA A 295 2.52 22.09 -10.33
N VAL A 296 1.62 21.19 -9.95
CA VAL A 296 1.94 19.73 -9.83
C VAL A 296 2.12 19.16 -11.24
N ASN A 297 1.18 19.47 -12.14
CA ASN A 297 1.15 18.95 -13.53
C ASN A 297 2.43 19.38 -14.27
N LYS A 298 2.86 20.62 -14.05
CA LYS A 298 4.08 21.21 -14.65
C LYS A 298 5.30 20.34 -14.35
N ASP A 299 5.41 19.83 -13.10
CA ASP A 299 6.53 18.99 -12.62
C ASP A 299 6.44 17.60 -13.29
N LYS A 300 5.39 16.84 -12.96
CA LYS A 300 5.08 15.53 -13.59
C LYS A 300 3.61 15.54 -13.98
N PRO A 301 3.26 15.39 -15.28
CA PRO A 301 1.85 15.36 -15.69
C PRO A 301 1.03 14.33 -14.90
N LEU A 302 -0.16 14.75 -14.47
CA LEU A 302 -1.08 14.02 -13.57
C LEU A 302 -1.99 13.08 -14.37
N GLY A 303 -2.23 13.42 -15.63
CA GLY A 303 -3.24 12.77 -16.49
C GLY A 303 -4.44 13.67 -16.66
N ALA A 304 -5.64 13.08 -16.55
CA ALA A 304 -6.95 13.78 -16.61
C ALA A 304 -7.35 14.18 -15.19
N VAL A 305 -7.16 15.45 -14.84
CA VAL A 305 -7.36 15.93 -13.45
C VAL A 305 -8.86 15.86 -13.10
N ALA A 306 -9.14 15.65 -11.81
CA ALA A 306 -10.50 15.48 -11.26
C ALA A 306 -11.25 16.82 -11.27
N LEU A 307 -10.53 17.94 -11.21
CA LEU A 307 -11.14 19.31 -11.21
C LEU A 307 -11.60 19.63 -12.64
N LYS A 308 -12.91 19.77 -12.84
CA LYS A 308 -13.54 19.99 -14.17
C LYS A 308 -12.86 21.15 -14.89
N SER A 309 -12.76 22.31 -14.24
CA SER A 309 -12.27 23.57 -14.85
C SER A 309 -10.91 23.32 -15.51
N TYR A 310 -9.96 22.74 -14.78
CA TYR A 310 -8.57 22.55 -15.25
C TYR A 310 -8.50 21.36 -16.23
N GLU A 311 -9.33 20.34 -16.04
CA GLU A 311 -9.37 19.18 -16.98
C GLU A 311 -9.75 19.69 -18.36
N GLU A 312 -10.72 20.62 -18.44
CA GLU A 312 -11.19 21.22 -19.71
C GLU A 312 -10.03 21.97 -20.38
N GLU A 313 -9.21 22.67 -19.61
CA GLU A 313 -8.07 23.47 -20.13
C GLU A 313 -7.02 22.55 -20.75
N LEU A 314 -6.81 21.35 -20.18
CA LEU A 314 -5.75 20.39 -20.58
C LEU A 314 -6.26 19.36 -21.60
N ALA A 315 -7.58 19.22 -21.74
CA ALA A 315 -8.25 18.13 -22.48
C ALA A 315 -7.74 18.02 -23.93
N LYS A 316 -7.36 19.15 -24.54
CA LYS A 316 -6.96 19.21 -25.98
C LYS A 316 -5.59 18.56 -26.20
N ASP A 317 -4.83 18.30 -25.14
CA ASP A 317 -3.51 17.61 -25.22
C ASP A 317 -3.71 16.20 -25.75
N PRO A 318 -3.19 15.85 -26.95
CA PRO A 318 -3.39 14.51 -27.52
C PRO A 318 -2.89 13.39 -26.59
N ARG A 319 -1.89 13.68 -25.77
CA ARG A 319 -1.29 12.70 -24.81
C ARG A 319 -2.34 12.34 -23.74
N ILE A 320 -3.19 13.31 -23.35
CA ILE A 320 -4.29 13.13 -22.37
C ILE A 320 -5.43 12.37 -23.07
N ALA A 321 -5.77 12.74 -24.30
CA ALA A 321 -6.80 12.08 -25.14
C ALA A 321 -6.48 10.58 -25.24
N ALA A 322 -5.21 10.25 -25.52
CA ALA A 322 -4.73 8.86 -25.64
C ALA A 322 -4.84 8.17 -24.27
N THR A 323 -4.47 8.89 -23.21
CA THR A 323 -4.58 8.40 -21.81
C THR A 323 -6.03 7.97 -21.54
N MET A 324 -7.00 8.80 -21.92
CA MET A 324 -8.45 8.54 -21.66
C MET A 324 -8.98 7.47 -22.63
N GLU A 325 -8.46 7.42 -23.86
CA GLU A 325 -8.78 6.32 -24.82
C GLU A 325 -8.42 4.98 -24.17
N ASN A 326 -7.20 4.85 -23.65
CA ASN A 326 -6.74 3.62 -22.95
C ASN A 326 -7.55 3.41 -21.67
N ALA A 327 -7.80 4.46 -20.90
CA ALA A 327 -8.61 4.38 -19.66
C ALA A 327 -9.98 3.78 -19.99
N GLN A 328 -10.60 4.23 -21.07
CA GLN A 328 -12.00 3.83 -21.43
C GLN A 328 -12.03 2.34 -21.79
N LYS A 329 -10.96 1.83 -22.41
CA LYS A 329 -10.87 0.40 -22.82
C LYS A 329 -10.49 -0.45 -21.62
N GLY A 330 -9.95 0.17 -20.57
CA GLY A 330 -9.57 -0.52 -19.33
C GLY A 330 -10.70 -0.61 -18.32
N GLU A 331 -10.34 -0.95 -17.09
CA GLU A 331 -11.26 -1.22 -15.95
C GLU A 331 -10.81 -0.34 -14.79
N ILE A 332 -11.75 0.27 -14.07
CA ILE A 332 -11.42 1.00 -12.81
C ILE A 332 -10.91 -0.05 -11.82
N MET A 333 -9.79 0.23 -11.15
CA MET A 333 -9.29 -0.67 -10.07
C MET A 333 -10.34 -0.72 -8.97
N PRO A 334 -10.71 -1.92 -8.47
CA PRO A 334 -11.44 -2.02 -7.21
C PRO A 334 -10.63 -1.29 -6.13
N ASN A 335 -11.29 -0.77 -5.09
CA ASN A 335 -10.60 -0.16 -3.93
C ASN A 335 -10.65 -1.12 -2.73
N ILE A 336 -11.23 -2.31 -2.90
CA ILE A 336 -11.47 -3.23 -1.73
C ILE A 336 -10.14 -3.66 -1.13
N PRO A 337 -10.13 -4.04 0.17
CA PRO A 337 -8.93 -4.56 0.83
C PRO A 337 -8.22 -5.69 0.06
N GLN A 338 -8.98 -6.61 -0.54
CA GLN A 338 -8.46 -7.81 -1.25
C GLN A 338 -7.59 -7.41 -2.47
N MET A 339 -7.65 -6.15 -2.94
CA MET A 339 -6.85 -5.69 -4.10
C MET A 339 -5.35 -5.80 -3.80
N SER A 340 -4.95 -5.59 -2.54
CA SER A 340 -3.55 -5.76 -2.08
C SER A 340 -3.09 -7.18 -2.41
N ALA A 341 -3.83 -8.17 -1.92
CA ALA A 341 -3.59 -9.62 -2.12
C ALA A 341 -3.52 -9.93 -3.62
N PHE A 342 -4.42 -9.35 -4.42
CA PHE A 342 -4.43 -9.56 -5.89
C PHE A 342 -3.10 -9.10 -6.49
N TRP A 343 -2.69 -7.88 -6.18
CA TRP A 343 -1.48 -7.25 -6.76
C TRP A 343 -0.22 -8.07 -6.42
N TYR A 344 -0.05 -8.47 -5.15
CA TYR A 344 1.09 -9.29 -4.68
C TYR A 344 1.10 -10.63 -5.41
N ALA A 345 -0.06 -11.28 -5.55
CA ALA A 345 -0.19 -12.61 -6.20
C ALA A 345 0.24 -12.50 -7.66
N VAL A 346 -0.21 -11.47 -8.37
CA VAL A 346 0.05 -11.33 -9.83
C VAL A 346 1.50 -10.86 -10.03
N ARG A 347 2.05 -10.07 -9.11
CA ARG A 347 3.48 -9.67 -9.16
C ARG A 347 4.36 -10.93 -9.13
N THR A 348 4.06 -11.86 -8.22
CA THR A 348 4.76 -13.16 -8.07
C THR A 348 4.66 -13.95 -9.37
N ALA A 349 3.45 -14.08 -9.90
CA ALA A 349 3.14 -14.91 -11.10
C ALA A 349 3.96 -14.39 -12.29
N VAL A 350 3.95 -13.08 -12.53
CA VAL A 350 4.62 -12.47 -13.72
C VAL A 350 6.14 -12.63 -13.57
N ILE A 351 6.70 -12.35 -12.40
CA ILE A 351 8.18 -12.40 -12.17
C ILE A 351 8.65 -13.86 -12.29
N ASN A 352 7.92 -14.81 -11.70
CA ASN A 352 8.28 -16.27 -11.76
C ASN A 352 8.14 -16.79 -13.18
N ALA A 353 7.04 -16.50 -13.86
CA ALA A 353 6.83 -16.92 -15.27
C ALA A 353 7.88 -16.25 -16.16
N ALA A 354 8.17 -14.97 -15.93
CA ALA A 354 9.12 -14.16 -16.74
C ALA A 354 10.55 -14.70 -16.55
N SER A 355 10.95 -14.95 -15.30
CA SER A 355 12.29 -15.47 -14.92
C SER A 355 12.42 -16.92 -15.40
N GLY A 356 11.31 -17.67 -15.42
CA GLY A 356 11.29 -19.09 -15.83
C GLY A 356 11.41 -20.03 -14.64
N ARG A 357 11.25 -19.52 -13.41
CA ARG A 357 11.17 -20.33 -12.17
C ARG A 357 9.96 -21.25 -12.26
N GLN A 358 8.86 -20.75 -12.83
CA GLN A 358 7.60 -21.50 -13.02
C GLN A 358 7.15 -21.37 -14.47
N THR A 359 6.33 -22.31 -14.93
CA THR A 359 5.55 -22.20 -16.18
C THR A 359 4.42 -21.20 -15.93
N VAL A 360 3.82 -20.70 -17.00
CA VAL A 360 2.63 -19.80 -16.96
C VAL A 360 1.51 -20.48 -16.16
N ASP A 361 1.28 -21.78 -16.38
CA ASP A 361 0.18 -22.56 -15.75
C ASP A 361 0.41 -22.67 -14.24
N GLU A 362 1.63 -23.02 -13.83
CA GLU A 362 2.02 -23.13 -12.39
C GLU A 362 1.90 -21.76 -11.72
N ALA A 363 2.51 -20.72 -12.32
CA ALA A 363 2.58 -19.34 -11.78
C ALA A 363 1.16 -18.80 -11.56
N LEU A 364 0.27 -18.93 -12.56
CA LEU A 364 -1.11 -18.38 -12.51
C LEU A 364 -1.99 -19.22 -11.61
N LYS A 365 -1.70 -20.51 -11.42
CA LYS A 365 -2.50 -21.40 -10.53
C LYS A 365 -2.30 -20.99 -9.07
N ASP A 366 -1.06 -20.63 -8.70
CA ASP A 366 -0.73 -20.11 -7.35
C ASP A 366 -1.36 -18.73 -7.16
N ALA A 367 -1.25 -17.86 -8.17
CA ALA A 367 -1.79 -16.48 -8.09
C ALA A 367 -3.31 -16.56 -7.90
N GLN A 368 -3.99 -17.46 -8.62
CA GLN A 368 -5.44 -17.71 -8.49
C GLN A 368 -5.77 -17.96 -7.01
N THR A 369 -4.98 -18.82 -6.35
CA THR A 369 -5.15 -19.20 -4.93
C THR A 369 -4.78 -18.02 -4.02
N ASN A 370 -3.64 -17.36 -4.28
CA ASN A 370 -3.11 -16.27 -3.43
C ASN A 370 -4.00 -15.02 -3.54
N ALA A 371 -4.51 -14.70 -4.74
CA ALA A 371 -5.34 -13.50 -4.98
C ALA A 371 -6.65 -13.61 -4.18
N ALA A 372 -7.13 -14.83 -3.92
CA ALA A 372 -8.42 -15.13 -3.24
C ALA A 372 -8.22 -15.36 -1.74
N ALA A 373 -6.97 -15.54 -1.28
CA ALA A 373 -6.65 -15.77 0.14
C ALA A 373 -6.94 -14.49 0.93
N VAL A 374 -7.93 -14.53 1.82
CA VAL A 374 -8.31 -13.40 2.72
C VAL A 374 -7.34 -13.41 3.90
N THR A 375 -6.65 -12.29 4.09
CA THR A 375 -5.76 -12.03 5.26
C THR A 375 -6.29 -10.81 6.01
N ILE A 376 -6.73 -11.00 7.25
CA ILE A 376 -7.13 -9.89 8.15
C ILE A 376 -6.02 -9.70 9.19
N VAL A 377 -5.54 -8.47 9.32
CA VAL A 377 -4.37 -8.10 10.17
C VAL A 377 -4.89 -7.32 11.38
N LYS A 378 -4.51 -7.74 12.59
CA LYS A 378 -4.84 -7.04 13.85
C LYS A 378 -3.54 -6.62 14.52
N PRO A 379 -3.15 -5.32 14.41
CA PRO A 379 -1.92 -4.85 15.04
C PRO A 379 -2.14 -4.82 16.55
N ILE A 380 -1.11 -5.19 17.30
CA ILE A 380 -1.14 -5.26 18.79
C ILE A 380 0.12 -4.61 19.33
N VAL A 381 0.10 -4.25 20.61
N VAL A 381 0.10 -4.29 20.62
CA VAL A 381 1.31 -3.89 21.40
CA VAL A 381 1.30 -3.87 21.41
C VAL A 381 1.29 -4.77 22.66
C VAL A 381 1.29 -4.71 22.70
N TYR A 382 2.47 -5.17 23.12
CA TYR A 382 2.63 -6.01 24.33
C TYR A 382 4.02 -5.78 24.92
N GLY A 383 4.12 -6.12 26.19
CA GLY A 383 5.36 -6.04 26.96
C GLY A 383 5.05 -5.68 28.39
N ASN A 384 5.92 -4.90 29.03
CA ASN A 384 5.72 -4.52 30.43
C ASN A 384 6.23 -3.10 30.68
N VAL A 385 5.66 -2.48 31.70
CA VAL A 385 6.25 -1.33 32.42
C VAL A 385 6.74 -1.88 33.77
N ALA A 386 7.84 -1.33 34.28
CA ALA A 386 8.45 -1.72 35.57
C ALA A 386 8.98 -0.48 36.28
N ARG A 387 8.49 -0.24 37.49
CA ARG A 387 8.91 0.90 38.35
C ARG A 387 9.81 0.38 39.46
N TYR A 388 10.94 1.05 39.68
CA TYR A 388 11.85 0.80 40.83
C TYR A 388 11.19 1.33 42.10
N PHE A 389 11.19 0.55 43.18
CA PHE A 389 10.87 1.05 44.54
C PHE A 389 11.99 2.02 44.95
N GLY A 390 11.65 3.04 45.73
CA GLY A 390 12.64 3.95 46.35
C GLY A 390 13.80 3.15 46.93
N LYS A 391 13.48 2.09 47.68
CA LYS A 391 14.46 1.13 48.24
C LYS A 391 13.87 -0.29 48.20
N LYS A 392 14.75 -1.30 48.31
CA LYS A 392 14.37 -2.74 48.32
C LYS A 392 13.46 -3.00 49.53
N ARG A 393 12.31 -3.66 49.29
CA ARG A 393 11.42 -4.19 50.36
C ARG A 393 12.11 -5.39 51.00
N GLU A 394 12.48 -5.28 52.28
CA GLU A 394 13.37 -6.24 52.97
C GLU A 394 12.65 -7.56 53.24
N GLU A 395 11.31 -7.55 53.34
CA GLU A 395 10.52 -8.74 53.73
C GLU A 395 10.69 -9.86 52.69
N ASP A 396 10.52 -9.57 51.40
CA ASP A 396 10.60 -10.58 50.31
C ASP A 396 11.65 -10.17 49.26
N GLY A 397 12.42 -9.11 49.51
CA GLY A 397 13.50 -8.65 48.61
C GLY A 397 12.98 -8.10 47.29
N HIS A 398 11.67 -7.83 47.16
CA HIS A 398 11.07 -7.26 45.93
C HIS A 398 11.57 -5.82 45.77
N THR A 399 11.94 -5.46 44.54
CA THR A 399 12.54 -4.15 44.20
C THR A 399 11.64 -3.37 43.24
N HIS A 400 10.71 -4.04 42.58
CA HIS A 400 9.97 -3.49 41.42
C HIS A 400 8.48 -3.80 41.53
N GLN A 401 7.64 -2.90 41.00
CA GLN A 401 6.25 -3.20 40.60
C GLN A 401 6.20 -3.17 39.07
N TRP A 402 5.58 -4.18 38.47
CA TRP A 402 5.50 -4.27 36.98
C TRP A 402 4.09 -4.69 36.56
N THR A 403 3.71 -4.28 35.36
CA THR A 403 2.49 -4.74 34.65
C THR A 403 2.90 -5.30 33.30
N VAL A 404 2.60 -6.58 33.06
CA VAL A 404 2.68 -7.19 31.70
C VAL A 404 1.30 -7.04 31.05
N TYR A 405 1.25 -6.81 29.73
CA TYR A 405 -0.02 -6.50 29.03
C TYR A 405 0.05 -6.81 27.54
N VAL A 406 -1.14 -7.06 26.97
CA VAL A 406 -1.41 -7.06 25.50
C VAL A 406 -2.55 -6.07 25.25
N LYS A 407 -2.35 -5.12 24.35
CA LYS A 407 -3.34 -4.09 23.97
C LYS A 407 -3.43 -4.04 22.45
N PRO A 408 -4.61 -3.71 21.89
CA PRO A 408 -4.71 -3.40 20.47
C PRO A 408 -3.96 -2.10 20.18
N TYR A 409 -3.27 -2.03 19.03
CA TYR A 409 -2.52 -0.83 18.57
C TYR A 409 -3.52 0.30 18.31
N ARG A 410 -4.65 -0.04 17.68
CA ARG A 410 -5.79 0.89 17.42
C ARG A 410 -6.73 0.88 18.62
N ASN A 411 -7.46 1.97 18.83
CA ASN A 411 -8.44 2.13 19.93
C ASN A 411 -9.71 1.34 19.58
N GLU A 412 -9.69 0.02 19.82
CA GLU A 412 -10.85 -0.91 19.58
C GLU A 412 -11.03 -1.83 20.78
N ASP A 413 -12.22 -2.42 20.90
CA ASP A 413 -12.54 -3.49 21.89
C ASP A 413 -11.98 -4.81 21.34
N MET A 414 -10.83 -5.24 21.87
CA MET A 414 -10.13 -6.48 21.45
C MET A 414 -11.00 -7.71 21.80
N SER A 415 -11.89 -7.60 22.80
CA SER A 415 -12.70 -8.73 23.32
C SER A 415 -13.77 -9.18 22.31
N ALA A 416 -13.98 -8.43 21.23
CA ALA A 416 -14.93 -8.79 20.13
C ALA A 416 -14.45 -10.06 19.42
N TYR A 417 -13.13 -10.28 19.31
CA TYR A 417 -12.54 -11.44 18.57
C TYR A 417 -11.66 -12.29 19.50
N VAL A 418 -11.21 -11.75 20.64
CA VAL A 418 -10.38 -12.47 21.64
C VAL A 418 -11.29 -13.06 22.71
N LYS A 419 -11.18 -14.37 22.94
CA LYS A 419 -11.94 -15.12 23.98
C LYS A 419 -11.27 -14.88 25.34
N LYS A 420 -9.96 -15.01 25.39
CA LYS A 420 -9.17 -14.85 26.65
C LYS A 420 -7.70 -14.76 26.31
N ILE A 421 -6.92 -14.15 27.21
CA ILE A 421 -5.44 -14.10 27.12
C ILE A 421 -4.85 -14.71 28.40
N GLN A 422 -3.95 -15.68 28.23
N GLN A 422 -3.99 -15.73 28.24
CA GLN A 422 -3.27 -16.43 29.31
CA GLN A 422 -3.28 -16.42 29.35
C GLN A 422 -1.84 -15.89 29.45
C GLN A 422 -1.87 -15.84 29.45
N PHE A 423 -1.47 -15.42 30.65
CA PHE A 423 -0.10 -14.96 30.98
C PHE A 423 0.54 -16.01 31.89
N LYS A 424 1.52 -16.76 31.38
CA LYS A 424 2.25 -17.77 32.19
C LYS A 424 3.46 -17.09 32.83
N LEU A 425 3.47 -16.97 34.15
CA LEU A 425 4.57 -16.35 34.92
C LEU A 425 5.51 -17.47 35.38
N HIS A 426 6.68 -17.07 35.88
CA HIS A 426 7.71 -17.97 36.47
C HIS A 426 7.09 -18.68 37.68
N GLU A 427 7.56 -19.89 37.99
CA GLU A 427 7.05 -20.79 39.06
C GLU A 427 7.04 -20.08 40.41
N SER A 428 7.93 -19.10 40.64
CA SER A 428 8.10 -18.36 41.91
C SER A 428 6.82 -17.61 42.29
N TYR A 429 5.91 -17.37 41.33
CA TYR A 429 4.58 -16.74 41.57
C TYR A 429 3.53 -17.82 41.83
N GLY A 430 2.59 -17.53 42.73
CA GLY A 430 1.37 -18.33 42.96
C GLY A 430 0.44 -18.27 41.77
N ASN A 431 -0.19 -19.40 41.42
CA ASN A 431 -1.11 -19.52 40.27
C ASN A 431 -0.42 -18.94 39.03
N PRO A 432 0.76 -19.47 38.64
CA PRO A 432 1.56 -18.87 37.55
C PRO A 432 0.82 -18.72 36.21
N LEU A 433 -0.20 -19.55 35.96
N LEU A 433 -0.20 -19.56 35.97
CA LEU A 433 -1.10 -19.46 34.77
CA LEU A 433 -1.11 -19.47 34.80
C LEU A 433 -2.24 -18.48 35.08
C LEU A 433 -2.24 -18.47 35.12
N ARG A 434 -2.01 -17.18 34.81
CA ARG A 434 -3.03 -16.11 34.99
C ARG A 434 -3.83 -15.99 33.69
N VAL A 435 -5.15 -16.20 33.77
CA VAL A 435 -6.05 -16.13 32.58
C VAL A 435 -6.98 -14.92 32.73
N VAL A 436 -7.06 -14.09 31.70
CA VAL A 436 -7.87 -12.83 31.67
C VAL A 436 -8.89 -12.97 30.53
N THR A 437 -10.18 -12.97 30.87
CA THR A 437 -11.30 -13.28 29.92
C THR A 437 -11.95 -11.99 29.40
N LYS A 438 -11.77 -10.86 30.10
CA LYS A 438 -12.30 -9.53 29.67
C LYS A 438 -11.17 -8.51 29.76
N PRO A 439 -11.22 -7.40 28.98
CA PRO A 439 -10.21 -6.34 29.07
C PRO A 439 -10.26 -5.63 30.42
N PRO A 440 -9.16 -4.98 30.88
CA PRO A 440 -7.90 -4.92 30.15
C PRO A 440 -7.07 -6.20 30.32
N TYR A 441 -6.38 -6.62 29.26
CA TYR A 441 -5.57 -7.86 29.26
C TYR A 441 -4.19 -7.53 29.82
N GLU A 442 -4.06 -7.61 31.16
CA GLU A 442 -2.81 -7.23 31.87
C GLU A 442 -2.77 -7.92 33.24
N ILE A 443 -1.55 -8.16 33.73
CA ILE A 443 -1.29 -8.65 35.12
C ILE A 443 -0.29 -7.69 35.76
N THR A 444 -0.61 -7.20 36.96
CA THR A 444 0.26 -6.35 37.79
C THR A 444 0.78 -7.21 38.96
N GLU A 445 2.09 -7.13 39.21
CA GLU A 445 2.79 -7.90 40.26
C GLU A 445 3.98 -7.10 40.76
N THR A 446 4.60 -7.56 41.84
CA THR A 446 5.92 -7.10 42.31
C THR A 446 6.91 -8.26 42.19
N GLY A 447 8.20 -7.95 42.24
CA GLY A 447 9.25 -8.98 42.11
C GLY A 447 10.65 -8.39 42.17
N TRP A 448 11.64 -9.27 41.99
CA TRP A 448 13.10 -9.00 42.06
C TRP A 448 13.80 -9.40 40.76
N GLY A 449 13.14 -10.17 39.88
CA GLY A 449 13.84 -10.87 38.79
C GLY A 449 13.18 -10.71 37.45
N GLU A 450 13.99 -10.69 36.40
CA GLU A 450 13.54 -10.79 34.99
C GLU A 450 13.32 -12.26 34.67
N PHE A 451 12.37 -12.55 33.79
CA PHE A 451 12.04 -13.93 33.33
C PHE A 451 11.09 -13.85 32.12
N GLU A 452 11.07 -14.92 31.33
CA GLU A 452 10.20 -15.03 30.14
C GLU A 452 8.76 -15.30 30.58
N ILE A 453 7.82 -14.47 30.11
CA ILE A 453 6.37 -14.69 30.25
C ILE A 453 5.85 -15.26 28.92
N ILE A 454 5.16 -16.38 28.97
CA ILE A 454 4.46 -16.97 27.79
C ILE A 454 3.06 -16.35 27.78
N ILE A 455 2.73 -15.65 26.71
CA ILE A 455 1.39 -15.02 26.52
C ILE A 455 0.64 -15.79 25.42
N LYS A 456 -0.53 -16.34 25.76
CA LYS A 456 -1.33 -17.13 24.80
C LYS A 456 -2.70 -16.44 24.62
N ILE A 457 -2.98 -16.00 23.40
CA ILE A 457 -4.21 -15.23 23.04
C ILE A 457 -5.17 -16.20 22.34
N PHE A 458 -6.33 -16.43 22.95
CA PHE A 458 -7.41 -17.32 22.41
C PHE A 458 -8.48 -16.47 21.75
N PHE A 459 -9.10 -17.00 20.70
CA PHE A 459 -10.11 -16.29 19.86
C PHE A 459 -11.47 -16.96 20.05
N ILE A 460 -12.55 -16.23 19.78
CA ILE A 460 -13.96 -16.69 19.98
C ILE A 460 -14.16 -18.00 19.20
N ASP A 461 -13.66 -18.05 17.96
CA ASP A 461 -13.64 -19.29 17.14
C ASP A 461 -12.55 -20.21 17.68
N PRO A 462 -12.90 -21.31 18.37
CA PRO A 462 -11.88 -22.18 18.97
C PRO A 462 -10.96 -22.80 17.91
N ASN A 463 -11.44 -22.91 16.67
CA ASN A 463 -10.68 -23.46 15.51
C ASN A 463 -9.64 -22.45 15.00
N GLU A 464 -9.77 -21.17 15.36
CA GLU A 464 -8.75 -20.14 15.04
C GLU A 464 -7.55 -20.36 15.98
N ARG A 465 -6.42 -20.80 15.44
CA ARG A 465 -5.23 -21.20 16.25
C ARG A 465 -4.81 -20.02 17.13
N PRO A 466 -4.77 -20.19 18.47
CA PRO A 466 -4.26 -19.16 19.38
C PRO A 466 -2.89 -18.62 18.98
N VAL A 467 -2.64 -17.34 19.28
CA VAL A 467 -1.32 -16.68 19.11
C VAL A 467 -0.55 -16.83 20.42
N THR A 468 0.69 -17.30 20.34
CA THR A 468 1.63 -17.36 21.48
C THR A 468 2.70 -16.29 21.25
N LEU A 469 2.89 -15.42 22.24
CA LEU A 469 3.95 -14.38 22.26
C LEU A 469 4.94 -14.72 23.38
N TYR A 470 6.19 -14.34 23.21
CA TYR A 470 7.28 -14.55 24.20
C TYR A 470 7.84 -13.20 24.61
N HIS A 471 7.72 -12.84 25.88
CA HIS A 471 8.17 -11.52 26.40
C HIS A 471 9.13 -11.69 27.58
N LEU A 472 10.33 -11.13 27.47
CA LEU A 472 11.30 -11.03 28.60
C LEU A 472 10.85 -9.87 29.48
N LEU A 473 10.28 -10.17 30.65
CA LEU A 473 9.90 -9.13 31.65
C LEU A 473 11.15 -8.33 32.00
N LYS A 474 11.18 -7.04 31.69
CA LYS A 474 12.36 -6.17 31.90
C LYS A 474 12.11 -5.25 33.10
N LEU A 475 12.92 -5.42 34.16
CA LEU A 475 12.89 -4.60 35.40
C LEU A 475 14.04 -3.58 35.37
N PHE A 476 15.22 -3.98 34.89
CA PHE A 476 16.45 -3.15 34.98
C PHE A 476 16.73 -2.47 33.64
N GLN A 477 17.06 -1.18 33.73
CA GLN A 477 17.36 -0.31 32.56
C GLN A 477 18.71 -0.75 31.97
N SER A 478 18.78 -0.90 30.65
CA SER A 478 20.03 -1.28 29.92
C SER A 478 20.84 -0.01 29.57
N ASP A 479 20.17 1.10 29.26
CA ASP A 479 20.82 2.43 29.09
C ASP A 479 21.51 2.81 30.41
N THR A 480 22.78 3.19 30.38
CA THR A 480 23.63 3.41 31.58
C THR A 480 23.09 4.60 32.39
N ASN A 481 22.82 5.73 31.76
CA ASN A 481 22.38 6.96 32.45
C ASN A 481 21.03 6.71 33.16
N ALA A 482 20.11 6.02 32.49
CA ALA A 482 18.76 5.69 33.03
C ALA A 482 18.89 4.56 34.07
N MET A 483 19.96 3.75 34.00
CA MET A 483 20.31 2.71 35.02
C MET A 483 20.72 3.42 36.32
N LEU A 484 21.69 4.33 36.23
CA LEU A 484 22.16 5.16 37.38
C LEU A 484 20.97 5.89 38.01
N GLY A 485 19.97 6.28 37.21
CA GLY A 485 18.81 7.09 37.63
C GLY A 485 17.62 6.25 38.08
N LYS A 486 17.69 4.92 37.94
CA LYS A 486 16.58 3.98 38.30
C LYS A 486 15.27 4.46 37.67
N LYS A 487 15.31 4.88 36.41
CA LYS A 487 14.12 5.38 35.65
C LYS A 487 13.20 4.21 35.33
N THR A 488 11.89 4.48 35.30
CA THR A 488 10.84 3.48 34.97
C THR A 488 11.19 2.85 33.62
N VAL A 489 11.15 1.51 33.59
CA VAL A 489 11.44 0.70 32.39
C VAL A 489 10.13 0.49 31.62
N VAL A 490 10.15 0.76 30.32
CA VAL A 490 9.09 0.41 29.35
C VAL A 490 9.72 -0.50 28.29
N SER A 491 9.41 -1.79 28.32
CA SER A 491 9.79 -2.78 27.28
C SER A 491 8.51 -3.25 26.59
N GLU A 492 8.12 -2.58 25.49
CA GLU A 492 6.92 -2.98 24.73
C GLU A 492 7.29 -3.10 23.25
N PHE A 493 6.56 -3.96 22.55
CA PHE A 493 6.82 -4.33 21.14
C PHE A 493 5.51 -4.22 20.36
N TYR A 494 5.64 -3.73 19.13
CA TYR A 494 4.56 -3.75 18.12
C TYR A 494 4.64 -5.10 17.40
N ASP A 495 3.49 -5.71 17.15
CA ASP A 495 3.36 -6.94 16.33
C ASP A 495 1.97 -6.93 15.69
N GLU A 496 1.76 -7.83 14.73
CA GLU A 496 0.47 -7.94 13.99
C GLU A 496 0.02 -9.39 14.04
N MET A 497 -1.15 -9.64 14.60
CA MET A 497 -1.82 -10.96 14.51
C MET A 497 -2.46 -11.08 13.13
N ILE A 498 -2.17 -12.16 12.42
CA ILE A 498 -2.64 -12.41 11.03
C ILE A 498 -3.66 -13.54 11.07
N PHE A 499 -4.84 -13.29 10.50
CA PHE A 499 -5.94 -14.28 10.35
C PHE A 499 -6.05 -14.62 8.87
N GLN A 500 -5.92 -15.91 8.53
CA GLN A 500 -5.91 -16.38 7.12
C GLN A 500 -7.21 -17.15 6.86
N ASP A 501 -8.00 -16.66 5.91
CA ASP A 501 -9.30 -17.27 5.50
C ASP A 501 -10.09 -17.64 6.75
N PRO A 502 -10.36 -16.67 7.66
CA PRO A 502 -11.07 -16.96 8.90
C PRO A 502 -12.53 -17.31 8.61
N THR A 503 -13.18 -17.99 9.56
CA THR A 503 -14.60 -18.41 9.44
C THR A 503 -15.48 -17.17 9.32
N ALA A 504 -16.64 -17.29 8.68
CA ALA A 504 -17.61 -16.21 8.44
C ALA A 504 -17.88 -15.47 9.75
N MET A 505 -18.25 -16.22 10.80
CA MET A 505 -18.46 -15.71 12.18
C MET A 505 -17.29 -14.80 12.56
N MET A 506 -16.07 -15.27 12.34
CA MET A 506 -14.82 -14.62 12.84
C MET A 506 -14.54 -13.34 12.03
N GLN A 507 -14.89 -13.31 10.74
CA GLN A 507 -14.65 -12.13 9.85
C GLN A 507 -15.45 -10.92 10.36
N GLN A 508 -16.73 -11.13 10.68
CA GLN A 508 -17.63 -10.10 11.27
C GLN A 508 -16.97 -9.56 12.55
N LEU A 509 -16.52 -10.45 13.45
CA LEU A 509 -15.92 -10.08 14.76
C LEU A 509 -14.62 -9.29 14.54
N LEU A 510 -13.88 -9.58 13.47
CA LEU A 510 -12.60 -8.89 13.16
C LEU A 510 -12.86 -7.54 12.45
N THR A 511 -14.06 -7.34 11.88
CA THR A 511 -14.43 -6.10 11.14
C THR A 511 -15.80 -5.60 11.63
N ALA B 1 -4.88 -18.35 13.91
CA ALA B 1 -4.13 -17.09 13.62
C ALA B 1 -2.63 -17.31 13.84
N ARG B 2 -1.82 -16.37 13.37
CA ARG B 2 -0.34 -16.38 13.51
C ARG B 2 0.15 -14.94 13.67
N THR B 3 1.37 -14.75 14.18
CA THR B 3 2.07 -13.44 14.22
C THR B 3 2.70 -13.22 12.83
N LYS B 4 2.88 -11.96 12.43
CA LYS B 4 3.44 -11.58 11.11
C LYS B 4 4.85 -12.14 10.98
N GLN B 5 5.23 -12.55 9.75
CA GLN B 5 6.59 -13.06 9.41
C GLN B 5 7.62 -11.95 9.66
N THR B 6 7.24 -10.69 9.41
CA THR B 6 8.09 -9.49 9.67
C THR B 6 8.32 -9.38 11.17
N ALA B 7 9.58 -9.23 11.59
CA ALA B 7 10.01 -9.13 13.00
C ALA B 7 9.20 -8.03 13.70
N ARG B 8 8.98 -8.19 15.01
CA ARG B 8 8.34 -7.17 15.89
C ARG B 8 9.27 -5.95 16.01
N LYS B 9 8.71 -4.74 15.96
CA LYS B 9 9.44 -3.46 16.16
C LYS B 9 9.19 -2.98 17.60
N SER B 10 10.26 -2.65 18.33
CA SER B 10 10.19 -2.00 19.66
C SER B 10 9.63 -0.58 19.48
N THR B 11 8.83 -0.09 20.43
CA THR B 11 8.20 1.26 20.40
C THR B 11 8.74 2.08 21.58
N GLY C 12 12.96 -22.63 35.94
CA GLY C 12 12.83 -21.44 35.04
C GLY C 12 14.01 -20.48 35.19
N GLY C 13 14.43 -19.86 34.07
CA GLY C 13 15.54 -18.91 34.01
C GLY C 13 15.16 -17.55 34.55
OH ALY C 14 10.42 -11.72 41.06
CH ALY C 14 10.08 -12.89 41.30
CH3 ALY C 14 9.09 -13.23 42.36
NZ ALY C 14 10.59 -13.91 40.61
CE ALY C 14 11.60 -13.74 39.58
CD ALY C 14 11.98 -15.04 38.89
CG ALY C 14 13.30 -14.92 38.18
CB ALY C 14 13.83 -16.26 37.66
CA ALY C 14 14.88 -16.11 36.56
N ALY C 14 15.16 -17.40 35.88
C ALY C 14 16.17 -15.56 37.17
O ALY C 14 16.89 -16.33 37.84
N ALA C 15 16.42 -14.27 36.96
CA ALA C 15 17.57 -13.52 37.52
C ALA C 15 17.24 -12.03 37.53
N PRO C 16 17.93 -11.20 38.36
CA PRO C 16 17.75 -9.75 38.32
C PRO C 16 17.77 -9.16 36.90
N ARG C 17 18.67 -9.64 36.04
CA ARG C 17 18.74 -9.32 34.58
C ARG C 17 18.90 -10.62 33.79
N LYS C 18 18.00 -10.88 32.83
CA LYS C 18 17.98 -12.11 32.00
C LYS C 18 17.67 -11.72 30.55
C1 GLC D . 2.30 4.49 -10.73
C2 GLC D . 0.77 4.57 -10.62
C3 GLC D . 0.23 3.54 -9.64
C4 GLC D . 0.81 2.15 -9.93
C5 GLC D . 2.32 2.19 -10.06
C6 GLC D . 2.86 0.83 -10.48
O1 GLC D . 2.88 4.94 -9.50
O2 GLC D . 0.38 5.87 -10.19
O3 GLC D . -1.20 3.51 -9.75
O4 GLC D . 0.47 1.29 -8.84
O5 GLC D . 2.71 3.16 -11.02
O6 GLC D . 4.29 0.79 -10.33
C1 GLC D . -0.65 0.43 -9.09
C2 GLC D . -1.52 0.38 -7.84
C3 GLC D . -0.72 -0.17 -6.66
C4 GLC D . -0.12 -1.52 -7.03
C5 GLC D . 0.61 -1.48 -8.37
C6 GLC D . 1.01 -2.88 -8.85
O2 GLC D . -1.99 1.69 -7.54
O3 GLC D . -1.56 -0.30 -5.51
O4 GLC D . 0.77 -1.87 -5.96
O5 GLC D . -0.21 -0.90 -9.39
O6 GLC D . 2.06 -2.83 -9.83
C1 GLC D . 0.41 -3.00 -5.15
C2 GLC D . 0.64 -2.70 -3.67
C3 GLC D . 2.11 -2.38 -3.41
C4 GLC D . 3.09 -3.41 -4.02
C5 GLC D . 2.62 -3.92 -5.39
C6 GLC D . 3.31 -5.24 -5.75
O2 GLC D . -0.23 -1.63 -3.26
O3 GLC D . 2.31 -2.33 -1.99
O4 GLC D . 4.41 -2.86 -4.20
O5 GLC D . 1.21 -4.14 -5.46
O6 GLC D . 3.53 -5.29 -7.16
C1 GLC D . 5.28 -2.97 -3.06
C2 GLC D . 6.41 -1.92 -3.11
C3 GLC D . 7.61 -2.36 -3.94
C4 GLC D . 8.06 -3.77 -3.59
C5 GLC D . 6.88 -4.72 -3.74
C6 GLC D . 7.29 -6.14 -3.37
O2 GLC D . 5.93 -0.68 -3.65
O3 GLC D . 8.70 -1.44 -3.69
O4 GLC D . 9.14 -4.17 -4.44
O5 GLC D . 5.79 -4.31 -2.90
O6 GLC D . 6.22 -7.05 -3.65
C1 GOL E . 10.16 17.05 -31.68
O1 GOL E . 10.26 17.14 -33.10
C2 GOL E . 11.31 16.26 -31.11
O2 GOL E . 12.53 16.62 -31.77
C3 GOL E . 11.47 16.42 -29.61
O3 GOL E . 12.69 15.87 -29.14
C1 GOL F . -13.05 29.12 2.04
O1 GOL F . -13.85 28.25 2.83
C2 GOL F . -11.69 29.36 2.69
O2 GOL F . -11.47 28.39 3.70
C3 GOL F . -10.55 29.33 1.68
O3 GOL F . -9.29 29.58 2.30
#